data_2W1U
#
_entry.id   2W1U
#
_cell.length_a   91.170
_cell.length_b   91.170
_cell.length_c   132.607
_cell.angle_alpha   90.00
_cell.angle_beta   90.00
_cell.angle_gamma   120.00
#
_symmetry.space_group_name_H-M   'P 31 2 1'
#
loop_
_entity.id
_entity.type
_entity.pdbx_description
1 polymer HYALURONOGLUCOSAMINIDASE
2 branched 2-acetamido-2-deoxy-beta-D-glucopyranose-(1-3)-2-acetamido-2-deoxy-beta-D-galactopyranose
3 branched 2-acetamido-2-deoxy-beta-D-glucopyranose-(1-3)-2-acetamido-2-deoxy-alpha-D-galactopyranose
4 non-polymer 'CALCIUM ION'
5 non-polymer 'ACETATE ION'
6 water water
#
_entity_poly.entity_id   1
_entity_poly.type   'polypeptide(L)'
_entity_poly.pdbx_seq_one_letter_code
;MGSSHHHHHHSSGLVPRGSHMASNPSLIRSESWQVYEGNEANLLDGDDNTGVWYKTLNGDTSLAGEFIGLDLGKEIKLDG
IRFVIGKNGGGSSDKWNKFKLEYSLDNESWTTIKEYDKTGAPAGKDVIEESFETPISAKYIRLTNMENINKWLTFSEFAI
VSDELENAGNKENVYTNTELDLLSLAKEDVTK
;
_entity_poly.pdbx_strand_id   A,B,C,D
#
# COMPACT_ATOMS: atom_id res chain seq x y z
N ASN A 24 22.30 1.57 15.47
CA ASN A 24 21.13 2.05 16.30
C ASN A 24 19.87 1.19 16.11
N PRO A 25 18.92 1.24 17.07
CA PRO A 25 17.66 0.47 16.89
C PRO A 25 16.92 0.88 15.62
N SER A 26 16.25 -0.08 14.96
CA SER A 26 15.42 0.29 13.80
C SER A 26 13.91 0.21 14.08
N LEU A 27 13.12 1.05 13.41
CA LEU A 27 11.67 1.07 13.57
C LEU A 27 10.99 -0.19 13.01
N ILE A 28 10.05 -0.73 13.80
CA ILE A 28 9.19 -1.80 13.34
C ILE A 28 7.78 -1.40 13.70
N ARG A 29 6.86 -1.60 12.77
CA ARG A 29 5.44 -1.34 13.04
C ARG A 29 4.53 -2.17 12.11
N SER A 30 3.23 -2.17 12.44
CA SER A 30 2.25 -2.93 11.67
C SER A 30 2.35 -2.51 10.21
N GLU A 31 2.56 -3.47 9.32
CA GLU A 31 2.76 -3.17 7.88
C GLU A 31 1.61 -2.42 7.18
N SER A 32 0.36 -2.57 7.67
CA SER A 32 -0.81 -1.99 6.98
C SER A 32 -0.95 -0.47 7.08
N TRP A 33 -0.36 0.13 8.13
CA TRP A 33 -0.44 1.57 8.38
C TRP A 33 0.24 2.30 7.21
N GLN A 34 -0.23 3.52 6.96
CA GLN A 34 0.38 4.37 5.93
C GLN A 34 0.71 5.75 6.54
N VAL A 35 1.79 6.39 6.13
CA VAL A 35 2.14 7.71 6.71
C VAL A 35 1.23 8.74 6.07
N TYR A 36 0.48 9.46 6.89
CA TYR A 36 -0.34 10.54 6.41
C TYR A 36 0.41 11.89 6.49
N GLU A 37 1.13 12.08 7.59
CA GLU A 37 1.86 13.32 7.86
C GLU A 37 3.14 12.98 8.60
N GLY A 38 4.20 13.74 8.34
CA GLY A 38 5.47 13.55 9.03
C GLY A 38 6.28 12.44 8.40
N ASN A 39 7.37 12.06 9.05
CA ASN A 39 8.11 10.93 8.56
C ASN A 39 8.46 9.93 9.65
N GLU A 40 8.55 8.65 9.31
CA GLU A 40 8.85 7.61 10.28
C GLU A 40 10.20 7.83 10.99
N ALA A 41 11.19 8.38 10.28
CA ALA A 41 12.47 8.74 10.92
C ALA A 41 12.35 9.78 12.05
N ASN A 42 11.32 10.62 12.00
CA ASN A 42 10.95 11.50 13.14
C ASN A 42 10.73 10.75 14.46
N LEU A 43 10.61 9.43 14.42
CA LEU A 43 10.41 8.65 15.63
C LEU A 43 11.70 8.22 16.30
N LEU A 44 12.83 8.54 15.67
CA LEU A 44 14.15 8.11 16.15
C LEU A 44 15.16 9.26 16.30
N ASP A 45 14.69 10.49 16.10
CA ASP A 45 15.53 11.70 16.07
C ASP A 45 15.77 12.39 17.45
N GLY A 46 15.25 11.79 18.54
CA GLY A 46 15.45 12.32 19.90
C GLY A 46 14.70 13.60 20.22
N ASP A 47 13.76 13.98 19.38
CA ASP A 47 13.00 15.20 19.54
C ASP A 47 11.49 14.86 19.76
N ASP A 48 10.92 15.31 20.89
CA ASP A 48 9.53 15.06 21.24
C ASP A 48 8.58 15.85 20.36
N ASN A 49 9.08 16.92 19.77
CA ASN A 49 8.25 17.78 18.96
C ASN A 49 8.18 17.43 17.49
N THR A 50 8.80 16.30 17.14
CA THR A 50 8.61 15.74 15.79
C THR A 50 8.01 14.33 15.89
N GLY A 51 6.97 14.09 15.10
CA GLY A 51 6.31 12.79 15.08
C GLY A 51 5.70 12.43 13.74
N VAL A 52 4.77 11.51 13.79
CA VAL A 52 4.22 10.96 12.59
C VAL A 52 2.72 10.66 12.78
N TRP A 53 1.95 10.85 11.72
CA TRP A 53 0.54 10.55 11.76
C TRP A 53 0.24 9.39 10.79
N TYR A 54 -0.05 8.21 11.33
CA TYR A 54 -0.34 7.03 10.54
C TYR A 54 -1.82 6.89 10.23
N LYS A 55 -2.12 6.74 8.95
CA LYS A 55 -3.46 6.33 8.51
C LYS A 55 -3.68 4.82 8.77
N THR A 56 -4.80 4.47 9.40
CA THR A 56 -5.14 3.08 9.60
C THR A 56 -6.18 2.65 8.55
N LEU A 57 -6.10 1.39 8.13
CA LEU A 57 -7.09 0.82 7.22
C LEU A 57 -8.16 0.14 8.05
N ASN A 58 -8.83 -0.87 7.49
CA ASN A 58 -9.89 -1.61 8.22
C ASN A 58 -11.00 -0.64 8.68
N GLY A 59 -11.28 0.35 7.85
CA GLY A 59 -12.27 1.38 8.17
C GLY A 59 -11.79 2.34 9.24
N ASP A 60 -10.57 2.87 9.08
CA ASP A 60 -9.93 3.80 10.05
C ASP A 60 -9.90 3.20 11.46
N THR A 61 -9.49 1.94 11.54
CA THR A 61 -9.53 1.22 12.80
C THR A 61 -8.19 0.54 13.01
N SER A 62 -7.58 0.81 14.18
CA SER A 62 -6.40 0.04 14.63
C SER A 62 -6.94 -1.15 15.42
N LEU A 63 -6.64 -2.36 14.94
CA LEU A 63 -7.06 -3.59 15.61
C LEU A 63 -6.23 -3.81 16.86
N ALA A 64 -6.83 -4.41 17.90
CA ALA A 64 -5.99 -4.94 18.98
C ALA A 64 -4.91 -5.86 18.39
N GLY A 65 -3.67 -5.74 18.87
CA GLY A 65 -2.58 -6.57 18.35
C GLY A 65 -1.67 -5.88 17.34
N GLU A 66 -2.09 -4.73 16.82
CA GLU A 66 -1.17 -3.88 16.05
C GLU A 66 -0.13 -3.24 16.99
N PHE A 67 0.99 -2.82 16.42
CA PHE A 67 2.13 -2.48 17.24
C PHE A 67 3.07 -1.47 16.57
N ILE A 68 3.92 -0.86 17.39
CA ILE A 68 5.03 -0.05 16.91
C ILE A 68 6.13 -0.11 17.96
N GLY A 69 7.38 -0.20 17.52
CA GLY A 69 8.47 -0.30 18.45
C GLY A 69 9.78 -0.47 17.73
N LEU A 70 10.69 -1.21 18.38
CA LEU A 70 12.11 -1.24 17.98
C LEU A 70 12.65 -2.64 17.81
N ASP A 71 13.43 -2.81 16.74
CA ASP A 71 14.25 -3.98 16.53
C ASP A 71 15.66 -3.56 16.93
N LEU A 72 16.20 -4.17 17.97
CA LEU A 72 17.47 -3.66 18.51
C LEU A 72 18.74 -4.19 17.82
N GLY A 73 18.55 -5.05 16.81
CA GLY A 73 19.70 -5.59 16.03
C GLY A 73 20.35 -6.84 16.60
N LYS A 74 20.23 -7.01 17.92
CA LYS A 74 20.75 -8.16 18.65
C LYS A 74 20.16 -8.11 20.05
N GLU A 75 20.23 -9.24 20.77
CA GLU A 75 19.84 -9.29 22.16
C GLU A 75 20.71 -8.34 23.00
N ILE A 76 20.06 -7.46 23.77
CA ILE A 76 20.76 -6.56 24.69
C ILE A 76 20.00 -6.44 26.01
N LYS A 77 20.73 -6.02 27.05
CA LYS A 77 20.15 -5.76 28.35
C LYS A 77 19.63 -4.33 28.42
N LEU A 78 18.31 -4.20 28.50
CA LEU A 78 17.67 -2.89 28.63
C LEU A 78 17.44 -2.52 30.08
N ASP A 79 17.72 -1.27 30.40
CA ASP A 79 17.46 -0.71 31.71
C ASP A 79 16.15 0.11 31.74
N GLY A 80 15.59 0.38 30.57
CA GLY A 80 14.35 1.14 30.45
C GLY A 80 13.99 1.49 29.02
N ILE A 81 12.81 2.08 28.86
CA ILE A 81 12.39 2.69 27.60
C ILE A 81 11.77 4.06 27.85
N ARG A 82 11.77 4.89 26.81
CA ARG A 82 11.01 6.12 26.78
C ARG A 82 10.35 6.22 25.40
N PHE A 83 9.04 6.03 25.35
CA PHE A 83 8.25 6.10 24.12
C PHE A 83 7.26 7.25 24.25
N VAL A 84 7.25 8.15 23.27
CA VAL A 84 6.26 9.22 23.26
C VAL A 84 5.19 8.90 22.24
N ILE A 85 3.96 8.70 22.74
CA ILE A 85 2.82 8.47 21.88
C ILE A 85 2.05 9.78 21.67
N GLY A 86 1.20 9.83 20.66
CA GLY A 86 0.54 11.07 20.27
C GLY A 86 1.55 12.10 19.74
N LYS A 87 1.06 13.32 19.53
CA LYS A 87 1.82 14.47 19.04
C LYS A 87 0.90 15.71 19.17
N ASN A 88 1.40 16.92 18.92
CA ASN A 88 0.48 18.08 18.92
C ASN A 88 -0.20 18.35 17.58
N GLY A 89 -1.22 19.21 17.62
CA GLY A 89 -1.94 19.58 16.41
C GLY A 89 -2.67 18.41 15.81
N GLY A 90 -2.37 18.15 14.53
CA GLY A 90 -3.08 17.14 13.76
C GLY A 90 -2.95 15.78 14.40
N GLY A 91 -4.09 15.15 14.61
CA GLY A 91 -4.13 13.79 15.15
C GLY A 91 -3.68 13.64 16.59
N SER A 92 -3.64 14.75 17.33
CA SER A 92 -3.28 14.71 18.74
C SER A 92 -4.19 13.79 19.57
N SER A 93 -5.45 13.66 19.19
CA SER A 93 -6.38 12.75 19.84
C SER A 93 -6.32 11.30 19.33
N ASP A 94 -5.47 11.06 18.31
CA ASP A 94 -5.38 9.76 17.61
C ASP A 94 -4.40 8.84 18.28
N LYS A 95 -4.86 8.22 19.36
CA LYS A 95 -4.02 7.38 20.21
C LYS A 95 -4.81 6.18 20.67
N TRP A 96 -4.10 5.06 20.89
CA TRP A 96 -4.69 3.87 21.53
C TRP A 96 -5.17 4.21 22.93
N ASN A 97 -6.27 3.58 23.34
CA ASN A 97 -6.79 3.67 24.70
C ASN A 97 -6.16 2.66 25.64
N LYS A 98 -6.03 1.43 25.13
CA LYS A 98 -5.47 0.35 25.93
C LYS A 98 -4.36 -0.30 25.10
N PHE A 99 -3.24 -0.60 25.75
CA PHE A 99 -2.04 -1.05 25.05
C PHE A 99 -1.10 -1.70 26.03
N LYS A 100 -0.09 -2.39 25.52
CA LYS A 100 0.90 -3.07 26.36
C LYS A 100 2.29 -2.82 25.87
N LEU A 101 3.23 -2.83 26.81
CA LEU A 101 4.65 -2.89 26.52
C LEU A 101 5.11 -4.36 26.58
N GLU A 102 5.66 -4.86 25.48
CA GLU A 102 6.10 -6.24 25.38
C GLU A 102 7.44 -6.35 24.67
N TYR A 103 8.17 -7.43 24.95
CA TYR A 103 9.49 -7.67 24.34
C TYR A 103 9.63 -9.11 23.84
N SER A 104 10.63 -9.34 23.00
CA SER A 104 10.82 -10.62 22.33
C SER A 104 12.31 -10.87 22.06
N LEU A 105 12.71 -12.13 22.07
CA LEU A 105 14.04 -12.56 21.62
C LEU A 105 14.07 -12.90 20.11
N ASP A 106 12.92 -13.26 19.53
CA ASP A 106 12.87 -13.87 18.21
C ASP A 106 11.83 -13.32 17.24
N ASN A 107 11.10 -12.29 17.65
CA ASN A 107 10.06 -11.64 16.84
C ASN A 107 8.84 -12.53 16.59
N GLU A 108 8.70 -13.56 17.42
CA GLU A 108 7.60 -14.50 17.29
C GLU A 108 6.87 -14.64 18.61
N SER A 109 7.61 -14.87 19.69
CA SER A 109 7.05 -15.00 21.03
C SER A 109 7.32 -13.75 21.87
N TRP A 110 6.28 -13.31 22.57
CA TRP A 110 6.30 -12.02 23.25
C TRP A 110 5.97 -12.12 24.73
N THR A 111 6.64 -11.31 25.53
CA THR A 111 6.38 -11.20 26.96
C THR A 111 5.96 -9.79 27.34
N THR A 112 4.76 -9.70 27.94
CA THR A 112 4.21 -8.43 28.43
C THR A 112 4.94 -7.94 29.68
N ILE A 113 5.54 -6.75 29.57
CA ILE A 113 6.17 -6.09 30.72
C ILE A 113 5.08 -5.43 31.57
N LYS A 114 4.12 -4.81 30.90
CA LYS A 114 3.11 -3.99 31.56
C LYS A 114 1.99 -3.61 30.58
N GLU A 115 0.78 -3.47 31.11
CA GLU A 115 -0.37 -3.03 30.34
C GLU A 115 -0.75 -1.62 30.75
N TYR A 116 -1.47 -0.91 29.90
CA TYR A 116 -1.93 0.44 30.21
C TYR A 116 -3.37 0.62 29.75
N ASP A 117 -4.15 1.37 30.50
CA ASP A 117 -5.46 1.77 30.03
C ASP A 117 -5.51 3.29 30.27
N LYS A 118 -5.42 4.04 29.17
CA LYS A 118 -5.49 5.49 29.23
C LYS A 118 -6.75 6.03 28.54
N THR A 119 -7.83 5.24 28.57
CA THR A 119 -9.12 5.61 27.99
C THR A 119 -9.56 6.96 28.56
N GLY A 120 -9.90 7.87 27.66
CA GLY A 120 -10.49 9.14 28.04
C GLY A 120 -9.44 10.21 28.38
N ALA A 121 -8.16 9.84 28.35
CA ALA A 121 -7.08 10.78 28.74
C ALA A 121 -7.01 11.95 27.75
N PRO A 122 -6.50 13.14 28.19
CA PRO A 122 -6.39 14.27 27.25
C PRO A 122 -5.64 13.90 25.96
N ALA A 123 -6.03 14.51 24.85
CA ALA A 123 -5.31 14.42 23.59
C ALA A 123 -3.94 15.04 23.83
N GLY A 124 -2.97 14.70 22.96
CA GLY A 124 -1.64 15.29 22.97
C GLY A 124 -0.54 14.28 23.18
N LYS A 125 0.71 14.73 23.14
CA LYS A 125 1.85 13.88 23.44
C LYS A 125 1.73 13.25 24.85
N ASP A 126 2.11 11.99 24.96
CA ASP A 126 2.10 11.25 26.22
C ASP A 126 3.36 10.40 26.33
N VAL A 127 4.21 10.78 27.27
CA VAL A 127 5.46 10.13 27.51
C VAL A 127 5.28 8.87 28.39
N ILE A 128 5.57 7.71 27.80
CA ILE A 128 5.56 6.43 28.46
C ILE A 128 7.02 6.17 28.76
N GLU A 129 7.39 6.20 30.04
CA GLU A 129 8.78 6.05 30.43
C GLU A 129 8.83 4.98 31.51
N GLU A 130 9.66 3.95 31.31
CA GLU A 130 9.78 2.87 32.29
C GLU A 130 11.24 2.62 32.65
N SER A 131 11.49 2.30 33.91
CA SER A 131 12.77 1.78 34.37
C SER A 131 12.62 0.32 34.74
N PHE A 132 13.53 -0.51 34.26
CA PHE A 132 13.54 -1.92 34.60
C PHE A 132 14.52 -2.12 35.76
N GLU A 133 13.96 -2.34 36.96
CA GLU A 133 14.71 -2.65 38.18
C GLU A 133 15.73 -3.79 37.97
N THR A 134 15.24 -4.91 37.42
CA THR A 134 16.07 -5.99 36.89
C THR A 134 16.16 -5.79 35.35
N PRO A 135 17.37 -5.52 34.83
CA PRO A 135 17.52 -5.32 33.39
C PRO A 135 16.84 -6.41 32.60
N ILE A 136 16.30 -6.05 31.43
CA ILE A 136 15.59 -7.01 30.58
C ILE A 136 16.34 -7.30 29.30
N SER A 137 16.55 -8.57 29.04
CA SER A 137 17.26 -9.01 27.86
C SER A 137 16.32 -9.14 26.64
N ALA A 138 16.54 -8.33 25.60
CA ALA A 138 15.61 -8.32 24.46
C ALA A 138 16.27 -7.98 23.14
N LYS A 139 15.68 -8.47 22.05
CA LYS A 139 16.05 -8.04 20.69
C LYS A 139 14.99 -7.09 20.11
N TYR A 140 13.76 -7.21 20.59
CA TYR A 140 12.66 -6.40 20.09
C TYR A 140 11.89 -5.88 21.28
N ILE A 141 11.54 -4.60 21.24
CA ILE A 141 10.64 -4.05 22.26
C ILE A 141 9.64 -3.11 21.58
N ARG A 142 8.36 -3.29 21.92
CA ARG A 142 7.29 -2.56 21.27
C ARG A 142 6.04 -2.27 22.14
N LEU A 143 5.26 -1.31 21.69
CA LEU A 143 3.95 -1.01 22.27
C LEU A 143 2.95 -1.63 21.35
N THR A 144 1.95 -2.29 21.94
CA THR A 144 0.98 -3.09 21.16
C THR A 144 -0.43 -2.79 21.60
N ASN A 145 -1.28 -2.44 20.63
CA ASN A 145 -2.71 -2.18 20.91
C ASN A 145 -3.41 -3.38 21.56
N MET A 146 -4.19 -3.11 22.60
CA MET A 146 -4.99 -4.16 23.26
C MET A 146 -6.54 -4.06 23.05
N GLU A 147 -6.99 -3.05 22.31
CA GLU A 147 -8.43 -2.87 22.05
C GLU A 147 -8.67 -2.14 20.72
N ASN A 148 -9.54 -2.66 19.91
CA ASN A 148 -9.95 -2.02 18.68
C ASN A 148 -10.26 -0.57 18.96
N ILE A 149 -9.75 0.29 18.11
CA ILE A 149 -10.07 1.70 18.15
C ILE A 149 -10.26 2.28 16.75
N ASN A 150 -11.37 2.98 16.56
CA ASN A 150 -11.69 3.59 15.28
C ASN A 150 -10.98 4.92 15.06
N LYS A 151 -9.67 4.89 15.19
CA LYS A 151 -8.84 6.07 15.00
C LYS A 151 -7.62 5.77 14.14
N TRP A 152 -7.11 6.78 13.48
CA TRP A 152 -5.73 6.79 12.98
C TRP A 152 -4.81 6.91 14.19
N LEU A 153 -3.51 7.08 13.94
CA LEU A 153 -2.51 6.98 15.03
C LEU A 153 -1.36 7.96 14.92
N THR A 154 -1.08 8.64 16.03
CA THR A 154 0.11 9.49 16.13
C THR A 154 1.11 9.00 17.18
N PHE A 155 2.40 9.21 16.87
CA PHE A 155 3.50 8.86 17.78
C PHE A 155 4.57 9.93 17.57
N SER A 156 5.53 10.04 18.51
CA SER A 156 6.59 11.08 18.41
C SER A 156 8.01 10.59 18.60
N GLU A 157 8.20 9.50 19.35
CA GLU A 157 9.55 9.09 19.71
C GLU A 157 9.60 7.72 20.35
N PHE A 158 10.62 6.94 19.98
CA PHE A 158 10.91 5.66 20.60
C PHE A 158 12.40 5.54 20.94
N ALA A 159 12.68 5.35 22.23
CA ALA A 159 14.02 5.30 22.73
C ALA A 159 14.16 4.17 23.75
N ILE A 160 15.36 3.60 23.84
CA ILE A 160 15.67 2.66 24.92
C ILE A 160 16.77 3.27 25.77
N VAL A 161 16.91 2.74 26.99
CA VAL A 161 18.00 3.10 27.89
C VAL A 161 18.70 1.80 28.22
N SER A 162 20.01 1.75 27.97
CA SER A 162 20.80 0.53 28.14
C SER A 162 22.24 0.89 28.49
N MET B 21 -12.39 -3.86 -23.51
CA MET B 21 -13.23 -4.23 -22.32
C MET B 21 -12.41 -4.61 -21.07
N ALA B 22 -11.20 -5.09 -21.31
CA ALA B 22 -10.37 -5.72 -20.27
C ALA B 22 -10.01 -4.70 -19.20
N SER B 23 -10.08 -5.13 -17.94
CA SER B 23 -9.67 -4.28 -16.81
C SER B 23 -8.39 -4.78 -16.10
N ASN B 24 -7.89 -3.98 -15.16
CA ASN B 24 -6.81 -4.40 -14.29
C ASN B 24 -7.30 -5.63 -13.49
N PRO B 25 -6.35 -6.51 -13.08
CA PRO B 25 -6.74 -7.59 -12.18
C PRO B 25 -6.81 -7.06 -10.75
N SER B 26 -7.42 -7.82 -9.83
CA SER B 26 -7.57 -7.43 -8.44
C SER B 26 -7.55 -8.69 -7.56
N LEU B 27 -7.06 -8.55 -6.33
CA LEU B 27 -7.29 -9.58 -5.32
C LEU B 27 -8.72 -9.37 -4.81
N ILE B 28 -9.55 -10.41 -4.83
CA ILE B 28 -10.91 -10.35 -4.32
C ILE B 28 -11.01 -11.32 -3.12
N ARG B 29 -11.54 -10.85 -2.00
CA ARG B 29 -11.64 -11.69 -0.79
C ARG B 29 -12.86 -11.25 0.04
N SER B 30 -13.23 -12.05 1.05
CA SER B 30 -14.44 -11.77 1.86
C SER B 30 -14.41 -10.39 2.46
N GLU B 31 -15.51 -9.66 2.28
CA GLU B 31 -15.65 -8.27 2.73
C GLU B 31 -15.29 -8.06 4.21
N SER B 32 -15.73 -8.96 5.06
CA SER B 32 -15.66 -8.71 6.50
C SER B 32 -14.29 -8.99 7.13
N TRP B 33 -13.40 -9.67 6.39
CA TRP B 33 -12.09 -9.93 6.94
C TRP B 33 -11.35 -8.64 7.18
N GLN B 34 -10.53 -8.66 8.22
CA GLN B 34 -9.72 -7.49 8.57
C GLN B 34 -8.26 -7.81 8.54
N VAL B 35 -7.49 -6.90 7.95
CA VAL B 35 -6.05 -7.10 7.81
C VAL B 35 -5.38 -6.90 9.17
N TYR B 36 -4.89 -7.99 9.75
CA TYR B 36 -4.30 -7.98 11.08
C TYR B 36 -2.77 -7.81 11.10
N GLU B 37 -2.09 -8.50 10.20
CA GLU B 37 -0.64 -8.45 10.12
C GLU B 37 -0.25 -8.57 8.66
N GLY B 38 0.79 -7.85 8.27
CA GLY B 38 1.17 -7.75 6.87
C GLY B 38 0.24 -6.81 6.12
N ASN B 39 0.29 -6.95 4.79
CA ASN B 39 -0.47 -6.12 3.86
C ASN B 39 -1.01 -7.09 2.82
N GLU B 40 -2.17 -6.82 2.25
CA GLU B 40 -2.70 -7.70 1.20
C GLU B 40 -1.81 -7.74 -0.04
N ALA B 41 -1.06 -6.66 -0.28
CA ALA B 41 -0.03 -6.61 -1.32
C ALA B 41 1.06 -7.68 -1.21
N ASN B 42 1.35 -8.13 0.01
CA ASN B 42 2.26 -9.28 0.24
C ASN B 42 1.82 -10.58 -0.47
N LEU B 43 0.59 -10.62 -0.95
CA LEU B 43 0.09 -11.87 -1.62
C LEU B 43 0.41 -11.95 -3.11
N LEU B 44 1.10 -10.94 -3.62
CA LEU B 44 1.28 -10.76 -5.06
C LEU B 44 2.74 -10.38 -5.35
N ASP B 45 3.62 -10.54 -4.37
CA ASP B 45 5.04 -10.12 -4.54
C ASP B 45 5.94 -11.23 -5.07
N GLY B 46 5.39 -12.42 -5.29
CA GLY B 46 6.19 -13.58 -5.74
C GLY B 46 6.99 -14.28 -4.66
N ASP B 47 6.86 -13.83 -3.40
CA ASP B 47 7.63 -14.37 -2.28
C ASP B 47 6.74 -15.25 -1.38
N ASP B 48 7.05 -16.55 -1.27
CA ASP B 48 6.26 -17.46 -0.40
C ASP B 48 6.38 -17.06 1.07
N ASN B 49 7.44 -16.33 1.37
CA ASN B 49 7.82 -16.01 2.74
C ASN B 49 7.29 -14.69 3.22
N THR B 50 6.53 -14.00 2.36
CA THR B 50 5.78 -12.84 2.84
C THR B 50 4.28 -13.13 2.69
N GLY B 51 3.47 -12.68 3.64
CA GLY B 51 2.06 -13.04 3.67
C GLY B 51 1.22 -12.00 4.39
N VAL B 52 -0.05 -12.33 4.61
CA VAL B 52 -0.99 -11.47 5.34
C VAL B 52 -1.74 -12.35 6.37
N TRP B 53 -2.14 -11.72 7.49
CA TRP B 53 -2.93 -12.42 8.50
C TRP B 53 -4.26 -11.68 8.59
N TYR B 54 -5.35 -12.37 8.26
CA TYR B 54 -6.69 -11.78 8.32
C TYR B 54 -7.35 -12.18 9.62
N LYS B 55 -7.80 -11.19 10.39
CA LYS B 55 -8.69 -11.49 11.50
C LYS B 55 -10.09 -11.77 10.93
N THR B 56 -10.71 -12.85 11.36
CA THR B 56 -12.08 -13.14 10.98
C THR B 56 -13.05 -12.72 12.09
N LEU B 57 -14.23 -12.28 11.69
CA LEU B 57 -15.28 -11.90 12.63
C LEU B 57 -16.14 -13.13 12.98
N ASN B 58 -17.42 -12.97 13.29
CA ASN B 58 -18.26 -14.09 13.72
C ASN B 58 -17.63 -14.91 14.86
N GLY B 59 -17.16 -14.21 15.89
CA GLY B 59 -16.56 -14.88 17.06
C GLY B 59 -15.32 -15.68 16.65
N ASP B 60 -14.41 -15.05 15.89
CA ASP B 60 -13.18 -15.67 15.34
C ASP B 60 -13.48 -16.93 14.54
N THR B 61 -14.49 -16.85 13.67
CA THR B 61 -14.89 -17.97 12.84
C THR B 61 -14.86 -17.59 11.37
N SER B 62 -14.11 -18.34 10.56
CA SER B 62 -14.30 -18.23 9.11
C SER B 62 -15.46 -19.15 8.73
N LEU B 63 -16.56 -18.56 8.26
CA LEU B 63 -17.76 -19.32 7.87
C LEU B 63 -17.54 -19.94 6.50
N ALA B 64 -18.22 -21.05 6.22
CA ALA B 64 -18.23 -21.57 4.85
C ALA B 64 -18.78 -20.53 3.87
N GLY B 65 -18.22 -20.54 2.68
CA GLY B 65 -18.59 -19.58 1.69
C GLY B 65 -17.68 -18.37 1.66
N GLU B 66 -16.82 -18.20 2.68
CA GLU B 66 -15.78 -17.12 2.62
C GLU B 66 -14.67 -17.52 1.63
N PHE B 67 -13.94 -16.55 1.12
CA PHE B 67 -13.14 -16.82 -0.09
C PHE B 67 -12.02 -15.84 -0.24
N ILE B 68 -11.02 -16.27 -0.99
CA ILE B 68 -9.93 -15.41 -1.45
C ILE B 68 -9.47 -15.86 -2.84
N GLY B 69 -9.30 -14.90 -3.73
CA GLY B 69 -8.91 -15.24 -5.09
C GLY B 69 -8.63 -14.01 -5.93
N LEU B 70 -8.77 -14.18 -7.24
CA LEU B 70 -8.40 -13.17 -8.23
C LEU B 70 -9.54 -12.89 -9.22
N ASP B 71 -9.76 -11.59 -9.48
CA ASP B 71 -10.46 -11.11 -10.67
C ASP B 71 -9.31 -10.87 -11.63
N LEU B 72 -9.29 -11.65 -12.71
CA LEU B 72 -8.22 -11.55 -13.71
C LEU B 72 -8.39 -10.34 -14.65
N GLY B 73 -9.54 -9.66 -14.57
CA GLY B 73 -9.82 -8.47 -15.39
C GLY B 73 -10.36 -8.76 -16.80
N LYS B 74 -10.32 -10.04 -17.20
CA LYS B 74 -10.85 -10.53 -18.48
C LYS B 74 -10.81 -12.07 -18.47
N GLU B 75 -11.46 -12.69 -19.46
CA GLU B 75 -11.36 -14.13 -19.66
C GLU B 75 -9.96 -14.52 -20.15
N ILE B 76 -9.31 -15.40 -19.37
CA ILE B 76 -7.95 -15.88 -19.62
C ILE B 76 -7.99 -17.43 -19.68
N LYS B 77 -7.28 -18.00 -20.64
CA LYS B 77 -7.12 -19.46 -20.72
C LYS B 77 -6.06 -19.87 -19.68
N LEU B 78 -6.53 -20.50 -18.62
CA LEU B 78 -5.64 -20.89 -17.53
C LEU B 78 -5.02 -22.29 -17.71
N ASP B 79 -3.69 -22.37 -17.57
CA ASP B 79 -2.99 -23.65 -17.51
C ASP B 79 -2.74 -24.19 -16.09
N GLY B 80 -2.85 -23.32 -15.09
CA GLY B 80 -2.75 -23.79 -13.71
C GLY B 80 -2.83 -22.64 -12.73
N ILE B 81 -2.80 -22.98 -11.45
CA ILE B 81 -2.63 -21.99 -10.40
C ILE B 81 -1.56 -22.43 -9.41
N ARG B 82 -1.01 -21.46 -8.67
CA ARG B 82 -0.17 -21.69 -7.50
C ARG B 82 -0.55 -20.67 -6.41
N PHE B 83 -1.27 -21.17 -5.41
CA PHE B 83 -1.81 -20.35 -4.30
C PHE B 83 -1.18 -20.89 -3.06
N VAL B 84 -0.50 -20.06 -2.28
CA VAL B 84 0.13 -20.51 -1.02
C VAL B 84 -0.73 -20.04 0.16
N ILE B 85 -1.31 -21.01 0.86
CA ILE B 85 -2.14 -20.69 2.04
C ILE B 85 -1.29 -20.88 3.31
N GLY B 86 -1.73 -20.28 4.41
CA GLY B 86 -0.96 -20.32 5.63
C GLY B 86 0.26 -19.42 5.46
N LYS B 87 1.08 -19.38 6.49
CA LYS B 87 2.36 -18.67 6.45
C LYS B 87 3.13 -19.30 7.56
N ASN B 88 4.39 -18.98 7.66
CA ASN B 88 5.14 -19.48 8.78
C ASN B 88 5.10 -18.52 9.99
N GLY B 89 5.36 -19.09 11.16
CA GLY B 89 5.38 -18.31 12.40
C GLY B 89 3.97 -18.11 12.93
N GLY B 90 3.66 -16.88 13.31
CA GLY B 90 2.34 -16.55 13.84
C GLY B 90 1.26 -16.92 12.85
N GLY B 91 0.23 -17.60 13.33
CA GLY B 91 -0.89 -18.05 12.50
C GLY B 91 -0.60 -19.18 11.52
N SER B 92 0.41 -19.96 11.81
CA SER B 92 0.80 -21.07 10.92
C SER B 92 -0.28 -22.15 10.84
N SER B 93 -1.21 -22.16 11.80
CA SER B 93 -2.34 -23.12 11.81
C SER B 93 -3.68 -22.48 11.44
N ASP B 94 -3.66 -21.19 11.14
CA ASP B 94 -4.86 -20.45 10.71
C ASP B 94 -5.18 -20.69 9.24
N LYS B 95 -5.73 -21.88 8.96
CA LYS B 95 -6.05 -22.31 7.60
C LYS B 95 -7.36 -23.05 7.65
N TRP B 96 -8.15 -22.98 6.58
CA TRP B 96 -9.33 -23.83 6.43
C TRP B 96 -9.02 -25.32 6.49
N ASN B 97 -9.94 -26.09 7.08
CA ASN B 97 -9.86 -27.55 7.07
C ASN B 97 -10.37 -28.06 5.72
N LYS B 98 -11.50 -27.51 5.27
CA LYS B 98 -12.17 -27.98 4.09
C LYS B 98 -12.46 -26.79 3.18
N PHE B 99 -12.11 -26.93 1.90
CA PHE B 99 -12.17 -25.82 0.96
C PHE B 99 -12.22 -26.31 -0.49
N LYS B 100 -12.53 -25.41 -1.43
CA LYS B 100 -12.59 -25.76 -2.84
C LYS B 100 -11.89 -24.71 -3.70
N LEU B 101 -11.36 -25.15 -4.83
CA LEU B 101 -10.86 -24.29 -5.91
C LEU B 101 -11.94 -24.23 -6.98
N GLU B 102 -12.40 -23.02 -7.30
CA GLU B 102 -13.54 -22.83 -8.17
C GLU B 102 -13.26 -21.62 -9.11
N TYR B 103 -13.88 -21.59 -10.28
CA TYR B 103 -13.66 -20.48 -11.23
C TYR B 103 -15.01 -20.05 -11.80
N SER B 104 -15.01 -18.92 -12.50
CA SER B 104 -16.25 -18.34 -13.02
C SER B 104 -15.89 -17.47 -14.20
N LEU B 105 -16.83 -17.36 -15.13
CA LEU B 105 -16.75 -16.39 -16.20
C LEU B 105 -17.43 -15.06 -15.84
N ASP B 106 -18.37 -15.11 -14.90
CA ASP B 106 -19.28 -13.98 -14.69
C ASP B 106 -19.48 -13.53 -13.25
N ASN B 107 -18.73 -14.11 -12.30
CA ASN B 107 -18.91 -13.77 -10.87
C ASN B 107 -20.32 -14.10 -10.36
N GLU B 108 -21.03 -14.97 -11.08
CA GLU B 108 -22.38 -15.41 -10.70
C GLU B 108 -22.43 -16.94 -10.64
N SER B 109 -22.10 -17.59 -11.75
CA SER B 109 -22.00 -19.06 -11.77
C SER B 109 -20.58 -19.48 -11.51
N TRP B 110 -20.40 -20.41 -10.57
CA TRP B 110 -19.10 -20.94 -10.19
C TRP B 110 -18.97 -22.45 -10.44
N THR B 111 -17.79 -22.87 -10.89
CA THR B 111 -17.56 -24.27 -11.19
C THR B 111 -16.41 -24.74 -10.33
N THR B 112 -16.63 -25.81 -9.58
CA THR B 112 -15.58 -26.40 -8.78
C THR B 112 -14.63 -27.19 -9.65
N ILE B 113 -13.35 -26.88 -9.47
CA ILE B 113 -12.29 -27.59 -10.12
C ILE B 113 -11.91 -28.78 -9.24
N LYS B 114 -11.74 -28.54 -7.93
CA LYS B 114 -11.24 -29.54 -6.99
C LYS B 114 -11.61 -29.17 -5.57
N GLU B 115 -11.94 -30.16 -4.73
CA GLU B 115 -12.13 -29.96 -3.31
C GLU B 115 -10.90 -30.43 -2.52
N TYR B 116 -10.77 -29.93 -1.31
CA TYR B 116 -9.61 -30.23 -0.45
C TYR B 116 -10.07 -30.47 0.97
N ASP B 117 -9.49 -31.47 1.63
CA ASP B 117 -9.65 -31.66 3.08
C ASP B 117 -8.25 -31.73 3.64
N LYS B 118 -7.80 -30.62 4.25
CA LYS B 118 -6.48 -30.55 4.83
C LYS B 118 -6.53 -30.45 6.38
N THR B 119 -7.56 -31.05 6.99
CA THR B 119 -7.70 -31.08 8.45
C THR B 119 -6.38 -31.56 9.10
N GLY B 120 -5.75 -32.55 8.46
CA GLY B 120 -4.55 -33.16 9.03
C GLY B 120 -3.23 -32.63 8.55
N ALA B 121 -3.23 -31.56 7.75
CA ALA B 121 -1.99 -31.07 7.18
C ALA B 121 -1.11 -30.47 8.29
N PRO B 122 0.22 -30.57 8.16
CA PRO B 122 1.05 -29.84 9.13
C PRO B 122 0.81 -28.29 9.14
N ALA B 123 1.14 -27.65 10.26
CA ALA B 123 1.10 -26.17 10.31
C ALA B 123 2.06 -25.55 9.31
N GLY B 124 1.77 -24.33 8.87
CA GLY B 124 2.67 -23.60 8.01
C GLY B 124 2.15 -23.49 6.60
N LYS B 125 3.00 -22.95 5.72
CA LYS B 125 2.67 -22.71 4.33
C LYS B 125 2.24 -24.02 3.72
N ASP B 126 1.19 -23.94 2.91
CA ASP B 126 0.68 -25.05 2.12
C ASP B 126 0.54 -24.56 0.67
N VAL B 127 1.36 -25.13 -0.22
CA VAL B 127 1.42 -24.74 -1.63
C VAL B 127 0.36 -25.54 -2.36
N ILE B 128 -0.73 -24.88 -2.69
CA ILE B 128 -1.77 -25.45 -3.51
C ILE B 128 -1.38 -25.19 -4.98
N GLU B 129 -0.88 -26.21 -5.66
CA GLU B 129 -0.38 -26.06 -7.01
C GLU B 129 -1.12 -27.05 -7.90
N GLU B 130 -1.77 -26.52 -8.94
CA GLU B 130 -2.56 -27.30 -9.87
C GLU B 130 -2.17 -27.00 -11.32
N SER B 131 -2.13 -28.06 -12.11
CA SER B 131 -1.97 -28.00 -13.56
C SER B 131 -3.27 -28.42 -14.25
N PHE B 132 -3.76 -27.60 -15.17
CA PHE B 132 -5.04 -27.88 -15.84
C PHE B 132 -4.76 -28.46 -17.23
N GLU B 133 -4.88 -29.78 -17.35
CA GLU B 133 -4.37 -30.44 -18.55
C GLU B 133 -5.17 -29.95 -19.76
N THR B 134 -6.47 -29.82 -19.58
CA THR B 134 -7.30 -29.01 -20.48
C THR B 134 -7.41 -27.61 -19.87
N PRO B 135 -6.90 -26.58 -20.59
CA PRO B 135 -6.90 -25.22 -20.05
C PRO B 135 -8.33 -24.78 -19.69
N ILE B 136 -8.43 -24.02 -18.61
CA ILE B 136 -9.71 -23.53 -18.12
C ILE B 136 -9.90 -22.05 -18.45
N SER B 137 -11.01 -21.71 -19.08
CA SER B 137 -11.33 -20.30 -19.32
C SER B 137 -12.04 -19.71 -18.11
N ALA B 138 -11.42 -18.67 -17.56
CA ALA B 138 -11.92 -18.02 -16.37
C ALA B 138 -11.57 -16.54 -16.36
N LYS B 139 -12.51 -15.73 -15.85
CA LYS B 139 -12.21 -14.36 -15.45
C LYS B 139 -11.92 -14.27 -13.94
N TYR B 140 -12.47 -15.21 -13.17
CA TYR B 140 -12.35 -15.20 -11.69
C TYR B 140 -11.92 -16.59 -11.25
N ILE B 141 -10.99 -16.66 -10.31
CA ILE B 141 -10.60 -17.96 -9.73
C ILE B 141 -10.26 -17.75 -8.27
N ARG B 142 -10.69 -18.70 -7.42
CA ARG B 142 -10.56 -18.46 -5.99
C ARG B 142 -10.62 -19.76 -5.19
N LEU B 143 -10.17 -19.66 -3.94
CA LEU B 143 -10.37 -20.71 -2.95
C LEU B 143 -11.50 -20.29 -2.03
N THR B 144 -12.40 -21.23 -1.72
CA THR B 144 -13.61 -20.96 -0.94
C THR B 144 -13.71 -21.95 0.21
N ASN B 145 -13.91 -21.44 1.43
CA ASN B 145 -14.08 -22.29 2.60
C ASN B 145 -15.36 -23.14 2.44
N MET B 146 -15.26 -24.41 2.85
CA MET B 146 -16.42 -25.29 2.82
C MET B 146 -16.95 -25.70 4.22
N GLU B 147 -16.28 -25.23 5.27
CA GLU B 147 -16.63 -25.64 6.62
C GLU B 147 -16.33 -24.59 7.67
N ASN B 148 -17.34 -24.24 8.45
CA ASN B 148 -17.14 -23.32 9.56
C ASN B 148 -15.99 -23.74 10.48
N ILE B 149 -15.07 -22.81 10.68
CA ILE B 149 -13.86 -23.03 11.45
C ILE B 149 -13.50 -21.89 12.40
N ASN B 150 -13.23 -22.21 13.66
CA ASN B 150 -12.84 -21.26 14.67
C ASN B 150 -11.37 -20.83 14.49
N LYS B 151 -11.08 -20.20 13.35
CA LYS B 151 -9.76 -19.64 13.11
C LYS B 151 -9.84 -18.31 12.34
N TRP B 152 -8.85 -17.46 12.60
CA TRP B 152 -8.45 -16.41 11.68
C TRP B 152 -7.68 -17.11 10.53
N LEU B 153 -7.15 -16.33 9.58
CA LEU B 153 -6.62 -16.93 8.32
C LEU B 153 -5.35 -16.25 7.86
N THR B 154 -4.34 -17.07 7.58
CA THR B 154 -3.09 -16.61 6.97
C THR B 154 -2.97 -17.10 5.52
N PHE B 155 -2.40 -16.24 4.68
CA PHE B 155 -2.16 -16.55 3.26
C PHE B 155 -0.82 -15.92 2.82
N SER B 156 -0.17 -16.50 1.81
CA SER B 156 1.15 -16.02 1.40
C SER B 156 1.30 -15.58 -0.07
N GLU B 157 0.62 -16.23 -1.02
CA GLU B 157 0.89 -15.92 -2.44
C GLU B 157 -0.26 -16.41 -3.27
N PHE B 158 -0.71 -15.59 -4.21
CA PHE B 158 -1.68 -16.04 -5.22
C PHE B 158 -1.17 -15.76 -6.61
N ALA B 159 -0.96 -16.84 -7.36
CA ALA B 159 -0.46 -16.80 -8.74
C ALA B 159 -1.22 -17.73 -9.71
N ILE B 160 -1.32 -17.28 -10.96
CA ILE B 160 -1.87 -18.10 -12.06
C ILE B 160 -0.81 -18.53 -13.11
N VAL B 161 -1.10 -19.58 -13.86
CA VAL B 161 -0.25 -19.99 -14.98
C VAL B 161 -1.06 -19.91 -16.25
N SER B 162 -0.54 -19.19 -17.24
CA SER B 162 -1.29 -19.00 -18.46
C SER B 162 -0.36 -18.78 -19.61
N ASP B 163 -0.16 -19.82 -20.43
CA ASP B 163 0.64 -19.73 -21.67
C ASP B 163 0.09 -18.65 -22.61
N GLU B 164 -1.22 -18.41 -22.56
CA GLU B 164 -1.85 -17.32 -23.28
C GLU B 164 -1.26 -15.96 -22.92
N LEU B 165 -1.04 -15.71 -21.62
CA LEU B 165 -0.46 -14.44 -21.15
C LEU B 165 1.05 -14.35 -21.40
N GLU B 166 1.66 -15.50 -21.66
CA GLU B 166 3.09 -15.58 -22.01
C GLU B 166 3.95 -15.64 -20.76
N PRO C 25 14.21 17.58 6.81
CA PRO C 25 13.83 17.10 5.48
C PRO C 25 12.96 15.86 5.59
N SER C 26 11.97 15.71 4.73
CA SER C 26 11.15 14.49 4.71
C SER C 26 11.19 13.76 3.36
N LEU C 27 10.94 12.44 3.40
CA LEU C 27 11.04 11.60 2.22
C LEU C 27 9.93 11.84 1.21
N ILE C 28 10.30 11.94 -0.07
CA ILE C 28 9.35 11.84 -1.17
C ILE C 28 9.80 10.73 -2.07
N ARG C 29 8.86 9.89 -2.47
CA ARG C 29 9.19 8.86 -3.45
C ARG C 29 7.94 8.50 -4.21
N SER C 30 8.12 7.75 -5.30
CA SER C 30 7.04 7.31 -6.16
C SER C 30 6.06 6.50 -5.30
N GLU C 31 4.79 6.90 -5.32
CA GLU C 31 3.82 6.33 -4.38
C GLU C 31 3.37 4.91 -4.67
N SER C 32 3.58 4.45 -5.91
CA SER C 32 3.15 3.11 -6.32
C SER C 32 4.06 2.00 -5.75
N TRP C 33 5.31 2.35 -5.40
CA TRP C 33 6.26 1.41 -4.85
C TRP C 33 5.71 0.80 -3.57
N GLN C 34 6.04 -0.45 -3.31
CA GLN C 34 5.55 -1.16 -2.13
C GLN C 34 6.77 -1.57 -1.33
N VAL C 35 6.78 -1.27 -0.03
CA VAL C 35 7.92 -1.63 0.81
C VAL C 35 7.91 -3.17 0.99
N TYR C 36 9.02 -3.80 0.58
CA TYR C 36 9.17 -5.24 0.60
C TYR C 36 10.06 -5.68 1.79
N GLU C 37 11.10 -4.90 2.04
CA GLU C 37 11.96 -5.11 3.20
C GLU C 37 12.36 -3.78 3.82
N GLY C 38 12.34 -3.74 5.15
CA GLY C 38 12.79 -2.59 5.94
C GLY C 38 11.64 -1.64 6.24
N ASN C 39 11.97 -0.47 6.82
CA ASN C 39 11.02 0.59 7.16
C ASN C 39 11.60 1.91 6.60
N GLU C 40 10.78 2.81 6.06
CA GLU C 40 11.29 4.05 5.46
C GLU C 40 12.01 5.01 6.44
N ALA C 41 11.86 4.78 7.74
CA ALA C 41 12.71 5.47 8.74
C ALA C 41 14.22 5.23 8.47
N ASN C 42 14.51 4.04 7.91
CA ASN C 42 15.87 3.64 7.49
C ASN C 42 16.49 4.54 6.43
N LEU C 43 15.68 5.28 5.69
CA LEU C 43 16.23 6.12 4.63
C LEU C 43 16.70 7.50 5.11
N LEU C 44 16.50 7.80 6.39
CA LEU C 44 16.81 9.12 6.97
C LEU C 44 17.41 8.99 8.36
N ASP C 45 18.00 7.84 8.65
CA ASP C 45 18.48 7.59 10.00
C ASP C 45 19.97 7.87 10.13
N GLY C 46 20.58 8.36 9.06
CA GLY C 46 22.02 8.66 9.04
C GLY C 46 22.95 7.47 9.00
N ASP C 47 22.41 6.29 8.67
CA ASP C 47 23.18 5.04 8.70
C ASP C 47 23.16 4.45 7.30
N ASP C 48 24.30 4.45 6.63
CA ASP C 48 24.40 3.87 5.29
C ASP C 48 23.98 2.41 5.23
N ASN C 49 24.11 1.71 6.35
CA ASN C 49 23.90 0.26 6.38
C ASN C 49 22.50 -0.19 6.72
N THR C 50 21.59 0.77 6.79
CA THR C 50 20.16 0.49 6.87
C THR C 50 19.48 1.05 5.63
N GLY C 51 18.62 0.23 5.03
CA GLY C 51 17.93 0.62 3.85
C GLY C 51 16.57 -0.01 3.70
N VAL C 52 16.02 0.16 2.49
CA VAL C 52 14.68 -0.33 2.10
C VAL C 52 14.75 -0.97 0.72
N TRP C 53 14.04 -2.08 0.57
CA TRP C 53 13.83 -2.71 -0.70
C TRP C 53 12.36 -2.47 -1.08
N TYR C 54 12.14 -1.87 -2.26
CA TYR C 54 10.84 -1.60 -2.77
C TYR C 54 10.51 -2.55 -3.90
N LYS C 55 9.33 -3.14 -3.84
CA LYS C 55 8.77 -3.75 -5.05
C LYS C 55 8.14 -2.67 -5.95
N THR C 56 8.46 -2.78 -7.25
CA THR C 56 7.85 -1.94 -8.26
C THR C 56 6.65 -2.67 -8.86
N LEU C 57 5.64 -1.89 -9.19
CA LEU C 57 4.45 -2.33 -9.88
C LEU C 57 4.68 -2.23 -11.38
N ASN C 58 3.61 -2.14 -12.15
CA ASN C 58 3.74 -2.05 -13.61
C ASN C 58 4.53 -3.24 -14.19
N GLY C 59 4.30 -4.44 -13.66
CA GLY C 59 5.06 -5.58 -14.14
C GLY C 59 6.51 -5.60 -13.68
N ASP C 60 6.74 -5.26 -12.43
CA ASP C 60 8.08 -5.24 -11.81
C ASP C 60 9.04 -4.32 -12.56
N THR C 61 8.51 -3.15 -12.92
CA THR C 61 9.23 -2.17 -13.77
C THR C 61 9.07 -0.79 -13.14
N SER C 62 10.21 -0.14 -12.92
CA SER C 62 10.27 1.27 -12.57
C SER C 62 10.20 2.05 -13.85
N LEU C 63 9.13 2.81 -13.98
CA LEU C 63 8.94 3.68 -15.13
C LEU C 63 9.88 4.89 -15.09
N ALA C 64 10.35 5.31 -16.27
CA ALA C 64 10.93 6.65 -16.44
C ALA C 64 9.99 7.65 -15.75
N GLY C 65 10.57 8.55 -14.97
CA GLY C 65 9.80 9.57 -14.25
C GLY C 65 9.58 9.25 -12.79
N GLU C 66 9.87 8.01 -12.39
CA GLU C 66 9.82 7.63 -10.98
C GLU C 66 11.01 8.23 -10.20
N PHE C 67 10.85 8.36 -8.89
CA PHE C 67 11.69 9.26 -8.11
C PHE C 67 11.70 8.86 -6.64
N ILE C 68 12.86 9.04 -6.00
CA ILE C 68 12.90 9.26 -4.55
C ILE C 68 13.81 10.43 -4.20
N GLY C 69 13.44 11.19 -3.18
CA GLY C 69 14.20 12.35 -2.77
C GLY C 69 13.60 13.02 -1.54
N LEU C 70 13.71 14.35 -1.51
CA LEU C 70 13.62 15.08 -0.25
C LEU C 70 12.72 16.31 -0.38
N ASP C 71 11.70 16.39 0.47
CA ASP C 71 10.97 17.62 0.66
C ASP C 71 11.63 18.34 1.84
N LEU C 72 12.19 19.51 1.55
CA LEU C 72 12.96 20.24 2.54
C LEU C 72 12.09 21.04 3.50
N GLY C 73 10.80 21.15 3.20
CA GLY C 73 9.84 21.78 4.09
C GLY C 73 9.56 23.22 3.72
N LYS C 74 10.60 23.87 3.17
CA LYS C 74 10.51 25.22 2.61
C LYS C 74 11.76 25.42 1.74
N GLU C 75 11.80 26.54 1.03
CA GLU C 75 12.96 26.89 0.22
C GLU C 75 14.18 27.19 1.10
N ILE C 76 15.26 26.48 0.82
CA ILE C 76 16.50 26.67 1.53
C ILE C 76 17.65 26.59 0.54
N LYS C 77 18.77 27.19 0.92
CA LYS C 77 19.95 27.21 0.10
C LYS C 77 20.76 25.94 0.39
N LEU C 78 20.87 25.10 -0.64
CA LEU C 78 21.62 23.83 -0.55
C LEU C 78 23.04 23.98 -1.04
N ASP C 79 23.97 23.40 -0.29
CA ASP C 79 25.37 23.36 -0.68
C ASP C 79 25.79 22.02 -1.24
N GLY C 80 24.95 21.00 -1.08
CA GLY C 80 25.22 19.69 -1.69
C GLY C 80 24.22 18.63 -1.24
N ILE C 81 24.37 17.42 -1.78
CA ILE C 81 23.57 16.27 -1.33
C ILE C 81 24.49 15.05 -1.18
N ARG C 82 24.00 14.10 -0.39
CA ARG C 82 24.60 12.77 -0.29
C ARG C 82 23.47 11.77 -0.18
N PHE C 83 23.23 11.09 -1.30
CA PHE C 83 22.14 10.11 -1.39
C PHE C 83 22.79 8.77 -1.62
N VAL C 84 22.44 7.77 -0.82
CA VAL C 84 22.99 6.45 -1.05
C VAL C 84 21.92 5.57 -1.64
N ILE C 85 22.13 5.14 -2.89
CA ILE C 85 21.17 4.28 -3.61
C ILE C 85 21.69 2.84 -3.56
N GLY C 86 20.82 1.87 -3.87
CA GLY C 86 21.15 0.48 -3.62
C GLY C 86 21.27 0.17 -2.13
N LYS C 87 21.53 -1.10 -1.84
CA LYS C 87 21.96 -1.53 -0.50
C LYS C 87 22.83 -2.76 -0.74
N ASN C 88 23.62 -3.18 0.24
CA ASN C 88 24.48 -4.35 0.04
C ASN C 88 23.62 -5.61 0.32
N GLY C 89 23.87 -6.73 -0.32
CA GLY C 89 23.01 -7.88 0.01
C GLY C 89 21.81 -7.96 -0.90
N GLY C 90 20.65 -8.40 -0.38
CA GLY C 90 19.45 -8.60 -1.22
C GLY C 90 19.11 -7.32 -2.00
N GLY C 91 18.89 -7.43 -3.29
CA GLY C 91 18.48 -6.24 -4.08
C GLY C 91 19.64 -5.35 -4.47
N SER C 92 20.87 -5.88 -4.30
CA SER C 92 22.10 -5.09 -4.57
C SER C 92 22.21 -4.59 -6.03
N SER C 93 21.55 -5.27 -6.96
CA SER C 93 21.55 -4.87 -8.37
C SER C 93 20.26 -4.15 -8.77
N ASP C 94 19.39 -3.89 -7.76
CA ASP C 94 18.07 -3.31 -8.00
C ASP C 94 18.18 -1.81 -7.98
N LYS C 95 18.67 -1.26 -9.11
CA LYS C 95 18.96 0.16 -9.24
C LYS C 95 18.71 0.60 -10.68
N TRP C 96 18.41 1.89 -10.85
CA TRP C 96 18.26 2.49 -12.19
C TRP C 96 19.59 2.49 -12.96
N ASN C 97 19.50 2.31 -14.29
CA ASN C 97 20.64 2.47 -15.20
C ASN C 97 20.90 3.94 -15.49
N LYS C 98 19.83 4.66 -15.72
CA LYS C 98 19.91 6.08 -16.11
C LYS C 98 18.95 6.90 -15.28
N PHE C 99 19.47 7.95 -14.67
CA PHE C 99 18.69 8.78 -13.76
C PHE C 99 19.29 10.18 -13.66
N LYS C 100 18.54 11.10 -13.07
CA LYS C 100 18.99 12.48 -12.98
C LYS C 100 18.73 13.04 -11.59
N LEU C 101 19.62 13.94 -11.15
CA LEU C 101 19.38 14.72 -9.96
C LEU C 101 18.77 16.03 -10.37
N GLU C 102 17.65 16.38 -9.72
CA GLU C 102 16.87 17.56 -10.14
C GLU C 102 16.27 18.19 -8.92
N TYR C 103 15.96 19.48 -9.06
CA TYR C 103 15.40 20.24 -7.94
C TYR C 103 14.26 21.16 -8.38
N SER C 104 13.47 21.58 -7.38
CA SER C 104 12.26 22.33 -7.61
C SER C 104 11.96 23.24 -6.43
N LEU C 105 11.28 24.33 -6.74
CA LEU C 105 10.65 25.20 -5.75
C LEU C 105 9.19 24.80 -5.40
N ASP C 106 8.51 24.11 -6.31
CA ASP C 106 7.05 24.00 -6.25
C ASP C 106 6.47 22.61 -6.50
N ASN C 107 7.37 21.64 -6.75
CA ASN C 107 6.98 20.29 -7.11
C ASN C 107 6.19 20.20 -8.41
N GLU C 108 6.44 21.14 -9.32
CA GLU C 108 5.80 21.14 -10.63
C GLU C 108 6.84 21.32 -11.71
N SER C 109 7.71 22.30 -11.54
CA SER C 109 8.82 22.52 -12.48
C SER C 109 10.13 22.09 -11.86
N TRP C 110 10.95 21.40 -12.67
CA TRP C 110 12.18 20.82 -12.18
C TRP C 110 13.35 21.33 -12.99
N THR C 111 14.50 21.51 -12.34
CA THR C 111 15.74 21.84 -13.02
C THR C 111 16.79 20.73 -12.78
N THR C 112 17.27 20.13 -13.85
CA THR C 112 18.26 19.05 -13.75
C THR C 112 19.63 19.63 -13.42
N ILE C 113 20.28 19.02 -12.43
CA ILE C 113 21.66 19.35 -12.07
C ILE C 113 22.65 18.41 -12.79
N LYS C 114 22.38 17.11 -12.69
CA LYS C 114 23.31 16.08 -13.14
C LYS C 114 22.55 14.88 -13.66
N GLU C 115 23.05 14.31 -14.76
CA GLU C 115 22.58 13.04 -15.32
C GLU C 115 23.62 11.95 -15.12
N TYR C 116 23.13 10.76 -14.80
CA TYR C 116 23.98 9.62 -14.43
C TYR C 116 23.68 8.42 -15.33
N ASP C 117 24.73 7.75 -15.80
CA ASP C 117 24.55 6.43 -16.38
C ASP C 117 25.34 5.41 -15.55
N LYS C 118 24.60 4.55 -14.84
CA LYS C 118 25.21 3.56 -13.94
C LYS C 118 25.00 2.13 -14.45
N THR C 119 24.75 1.98 -15.75
CA THR C 119 24.46 0.66 -16.34
C THR C 119 25.45 -0.42 -15.88
N GLY C 120 26.76 -0.11 -15.90
CA GLY C 120 27.79 -1.10 -15.53
C GLY C 120 28.35 -0.94 -14.12
N ALA C 121 27.69 -0.16 -13.26
CA ALA C 121 28.15 0.10 -11.91
C ALA C 121 28.19 -1.20 -11.12
N PRO C 122 29.12 -1.31 -10.18
CA PRO C 122 29.06 -2.46 -9.30
C PRO C 122 27.73 -2.48 -8.54
N ALA C 123 27.27 -3.67 -8.19
CA ALA C 123 26.08 -3.86 -7.37
C ALA C 123 26.34 -3.24 -6.01
N GLY C 124 25.26 -2.96 -5.29
CA GLY C 124 25.36 -2.52 -3.89
C GLY C 124 25.14 -1.04 -3.70
N LYS C 125 25.37 -0.56 -2.47
CA LYS C 125 25.31 0.84 -2.13
C LYS C 125 26.10 1.65 -3.12
N ASP C 126 25.55 2.78 -3.56
CA ASP C 126 26.30 3.69 -4.40
C ASP C 126 26.05 5.09 -3.83
N VAL C 127 27.11 5.72 -3.36
CA VAL C 127 27.05 7.01 -2.72
C VAL C 127 27.01 8.05 -3.81
N ILE C 128 25.88 8.70 -3.95
CA ILE C 128 25.74 9.82 -4.90
C ILE C 128 25.92 11.08 -4.08
N GLU C 129 27.14 11.60 -4.12
CA GLU C 129 27.51 12.76 -3.33
C GLU C 129 27.89 13.90 -4.27
N GLU C 130 27.20 15.04 -4.15
CA GLU C 130 27.44 16.22 -4.97
C GLU C 130 27.61 17.47 -4.09
N SER C 131 28.59 18.31 -4.41
CA SER C 131 28.73 19.67 -3.85
C SER C 131 28.38 20.73 -4.88
N PHE C 132 27.66 21.76 -4.47
CA PHE C 132 27.23 22.80 -5.39
C PHE C 132 28.10 24.03 -5.13
N GLU C 133 28.89 24.43 -6.12
CA GLU C 133 29.81 25.57 -5.92
C GLU C 133 29.06 26.84 -5.53
N THR C 134 27.92 27.05 -6.20
CA THR C 134 26.97 28.08 -5.83
C THR C 134 25.75 27.42 -5.17
N PRO C 135 25.35 27.92 -4.00
CA PRO C 135 24.17 27.41 -3.32
C PRO C 135 22.96 27.33 -4.24
N ILE C 136 22.25 26.21 -4.21
CA ILE C 136 21.01 26.06 -4.97
C ILE C 136 19.82 26.24 -4.06
N SER C 137 18.87 27.05 -4.50
CA SER C 137 17.63 27.29 -3.76
C SER C 137 16.57 26.31 -4.19
N ALA C 138 16.21 25.42 -3.26
CA ALA C 138 15.27 24.36 -3.50
C ALA C 138 14.42 24.10 -2.26
N LYS C 139 13.18 23.67 -2.49
CA LYS C 139 12.37 23.04 -1.47
C LYS C 139 12.35 21.50 -1.64
N TYR C 140 12.57 21.03 -2.87
CA TYR C 140 12.56 19.60 -3.20
C TYR C 140 13.81 19.28 -4.01
N ILE C 141 14.41 18.13 -3.75
CA ILE C 141 15.55 17.67 -4.55
C ILE C 141 15.52 16.16 -4.52
N ARG C 142 15.74 15.55 -5.69
CA ARG C 142 15.48 14.12 -5.85
C ARG C 142 16.28 13.51 -6.99
N LEU C 143 16.37 12.18 -6.96
CA LEU C 143 16.85 11.39 -8.09
C LEU C 143 15.63 10.81 -8.84
N THR C 144 15.65 10.96 -10.16
CA THR C 144 14.56 10.61 -11.02
C THR C 144 15.02 9.64 -12.10
N ASN C 145 14.32 8.51 -12.23
CA ASN C 145 14.59 7.56 -13.31
C ASN C 145 14.35 8.18 -14.70
N MET C 146 15.26 7.92 -15.64
CA MET C 146 15.12 8.40 -17.03
C MET C 146 14.75 7.33 -18.05
N GLU C 147 14.65 6.08 -17.60
CA GLU C 147 14.40 5.01 -18.55
C GLU C 147 13.77 3.83 -17.82
N ASN C 148 12.68 3.30 -18.38
CA ASN C 148 12.01 2.11 -17.82
C ASN C 148 13.05 1.05 -17.52
N ILE C 149 12.96 0.40 -16.35
CA ILE C 149 13.85 -0.72 -16.10
C ILE C 149 13.09 -1.80 -15.37
N ASN C 150 13.24 -3.04 -15.83
CA ASN C 150 12.53 -4.20 -15.26
C ASN C 150 13.24 -4.62 -13.95
N LYS C 151 13.20 -3.74 -12.94
CA LYS C 151 13.80 -4.07 -11.65
C LYS C 151 12.94 -3.51 -10.51
N TRP C 152 12.98 -4.19 -9.37
CA TRP C 152 12.63 -3.59 -8.09
C TRP C 152 13.76 -2.61 -7.72
N LEU C 153 13.68 -2.01 -6.54
CA LEU C 153 14.61 -0.93 -6.19
C LEU C 153 15.01 -0.92 -4.72
N THR C 154 16.31 -0.84 -4.46
CA THR C 154 16.83 -0.60 -3.10
C THR C 154 17.43 0.82 -2.95
N PHE C 155 17.28 1.37 -1.73
CA PHE C 155 17.88 2.66 -1.34
C PHE C 155 18.29 2.60 0.12
N SER C 156 19.18 3.50 0.54
CA SER C 156 19.77 3.40 1.88
C SER C 156 19.78 4.72 2.69
N GLU C 157 19.88 5.86 2.02
CA GLU C 157 20.08 7.14 2.75
C GLU C 157 19.97 8.38 1.92
N PHE C 158 19.37 9.43 2.47
CA PHE C 158 19.19 10.72 1.80
C PHE C 158 19.50 11.82 2.78
N ALA C 159 20.53 12.60 2.47
CA ALA C 159 20.95 13.71 3.30
C ALA C 159 21.22 14.94 2.44
N ILE C 160 21.06 16.13 3.02
CA ILE C 160 21.52 17.37 2.38
C ILE C 160 22.68 18.01 3.16
N VAL C 161 23.41 18.88 2.47
CA VAL C 161 24.38 19.80 3.08
C VAL C 161 23.88 21.25 2.89
N SER C 162 23.75 21.97 4.00
CA SER C 162 23.20 23.33 3.95
C SER C 162 23.77 24.21 5.08
N ASP C 163 24.61 25.19 4.71
CA ASP C 163 25.08 26.23 5.66
C ASP C 163 23.92 27.01 6.31
N GLU C 164 22.83 27.15 5.57
CA GLU C 164 21.67 27.89 6.06
C GLU C 164 20.96 27.17 7.23
N MET D 21 -20.40 -14.70 0.32
CA MET D 21 -21.03 -13.72 -0.64
C MET D 21 -20.18 -12.47 -0.96
N ALA D 22 -20.22 -11.43 -0.11
CA ALA D 22 -19.67 -10.11 -0.51
C ALA D 22 -18.15 -10.08 -0.44
N SER D 23 -17.55 -9.36 -1.39
CA SER D 23 -16.13 -9.18 -1.40
C SER D 23 -15.78 -7.73 -1.05
N ASN D 24 -14.49 -7.49 -0.81
CA ASN D 24 -13.98 -6.13 -0.71
C ASN D 24 -14.33 -5.37 -2.02
N PRO D 25 -14.49 -4.03 -1.94
CA PRO D 25 -14.62 -3.24 -3.19
C PRO D 25 -13.25 -3.08 -3.88
N SER D 26 -13.28 -2.79 -5.19
CA SER D 26 -12.05 -2.59 -5.94
C SER D 26 -12.20 -1.40 -6.91
N LEU D 27 -11.07 -0.80 -7.24
CA LEU D 27 -10.98 0.18 -8.29
C LEU D 27 -10.74 -0.57 -9.60
N ILE D 28 -11.68 -0.44 -10.54
CA ILE D 28 -11.61 -1.14 -11.83
C ILE D 28 -11.43 -0.14 -12.99
N ARG D 29 -10.38 -0.31 -13.80
CA ARG D 29 -10.10 0.64 -14.88
C ARG D 29 -9.46 -0.14 -16.04
N SER D 30 -9.27 0.54 -17.19
CA SER D 30 -8.72 -0.06 -18.39
C SER D 30 -7.40 -0.72 -18.14
N GLU D 31 -7.31 -1.95 -18.65
CA GLU D 31 -6.16 -2.85 -18.42
C GLU D 31 -4.83 -2.20 -18.80
N SER D 32 -4.77 -1.54 -19.96
CA SER D 32 -3.47 -1.09 -20.49
C SER D 32 -2.85 0.16 -19.83
N TRP D 33 -3.63 0.96 -19.10
CA TRP D 33 -3.05 2.15 -18.45
C TRP D 33 -1.88 1.74 -17.56
N GLN D 34 -0.86 2.58 -17.50
CA GLN D 34 0.27 2.35 -16.57
C GLN D 34 0.23 3.38 -15.44
N VAL D 35 0.56 3.00 -14.22
CA VAL D 35 0.64 3.94 -13.10
C VAL D 35 1.97 4.71 -13.12
N TYR D 36 1.86 6.00 -13.44
CA TYR D 36 3.00 6.86 -13.68
C TYR D 36 3.32 7.74 -12.44
N GLU D 37 2.28 8.18 -11.72
CA GLU D 37 2.48 8.99 -10.51
C GLU D 37 1.33 8.68 -9.57
N GLY D 38 1.60 8.79 -8.26
CA GLY D 38 0.66 8.44 -7.20
C GLY D 38 0.46 6.95 -7.19
N ASN D 39 -0.70 6.52 -6.70
CA ASN D 39 -1.08 5.10 -6.74
C ASN D 39 -2.60 4.89 -6.73
N GLU D 40 -3.03 3.70 -7.11
CA GLU D 40 -4.46 3.48 -7.29
C GLU D 40 -5.26 3.41 -5.99
N ALA D 41 -4.62 3.05 -4.88
CA ALA D 41 -5.27 3.12 -3.54
C ALA D 41 -5.63 4.56 -3.11
N ASN D 42 -4.87 5.53 -3.60
CA ASN D 42 -5.23 6.95 -3.46
C ASN D 42 -6.62 7.33 -3.98
N LEU D 43 -7.22 6.48 -4.80
CA LEU D 43 -8.55 6.76 -5.36
C LEU D 43 -9.68 6.34 -4.44
N LEU D 44 -9.35 5.57 -3.41
CA LEU D 44 -10.32 5.03 -2.46
C LEU D 44 -10.03 5.51 -1.03
N ASP D 45 -9.26 6.57 -0.86
CA ASP D 45 -8.88 6.98 0.49
C ASP D 45 -9.68 8.14 1.13
N GLY D 46 -10.79 8.55 0.52
CA GLY D 46 -11.55 9.70 0.99
C GLY D 46 -10.74 10.98 1.11
N ASP D 47 -9.67 11.08 0.32
CA ASP D 47 -8.84 12.29 0.30
C ASP D 47 -8.77 12.93 -1.10
N ASP D 48 -9.33 14.13 -1.24
CA ASP D 48 -9.32 14.85 -2.51
C ASP D 48 -7.90 15.24 -2.95
N ASN D 49 -6.95 15.27 -2.01
CA ASN D 49 -5.57 15.73 -2.31
C ASN D 49 -4.58 14.63 -2.60
N THR D 50 -5.05 13.39 -2.67
CA THR D 50 -4.21 12.26 -3.08
C THR D 50 -4.83 11.68 -4.35
N GLY D 51 -4.01 11.34 -5.33
CA GLY D 51 -4.50 10.86 -6.61
C GLY D 51 -3.54 9.97 -7.35
N VAL D 52 -3.73 9.92 -8.66
CA VAL D 52 -3.00 9.00 -9.50
C VAL D 52 -2.89 9.61 -10.88
N TRP D 53 -1.79 9.30 -11.57
CA TRP D 53 -1.60 9.74 -12.93
C TRP D 53 -1.31 8.48 -13.73
N TYR D 54 -2.21 8.21 -14.68
CA TYR D 54 -2.06 7.08 -15.56
C TYR D 54 -1.45 7.50 -16.87
N LYS D 55 -0.34 6.83 -17.25
CA LYS D 55 0.17 6.93 -18.62
C LYS D 55 -0.70 6.09 -19.55
N THR D 56 -1.22 6.71 -20.60
CA THR D 56 -1.96 5.96 -21.63
C THR D 56 -1.06 5.54 -22.79
N LEU D 57 -1.33 4.34 -23.31
CA LEU D 57 -0.57 3.82 -24.46
C LEU D 57 -1.30 4.23 -25.75
N ASN D 58 -1.15 3.44 -26.81
CA ASN D 58 -1.73 3.79 -28.12
C ASN D 58 -1.36 5.19 -28.58
N GLY D 59 -0.07 5.52 -28.48
CA GLY D 59 0.42 6.82 -28.93
C GLY D 59 -0.06 7.93 -28.02
N ASP D 60 -0.03 7.69 -26.72
CA ASP D 60 -0.56 8.63 -25.71
C ASP D 60 -2.02 9.02 -25.99
N THR D 61 -2.87 8.03 -26.21
CA THR D 61 -4.29 8.28 -26.45
C THR D 61 -5.12 7.47 -25.46
N SER D 62 -6.15 8.12 -24.89
CA SER D 62 -7.24 7.42 -24.23
C SER D 62 -8.37 7.25 -25.27
N LEU D 63 -8.61 6.01 -25.69
CA LEU D 63 -9.62 5.67 -26.69
C LEU D 63 -10.99 5.79 -26.09
N ALA D 64 -11.98 6.13 -26.93
CA ALA D 64 -13.39 6.03 -26.53
C ALA D 64 -13.60 4.62 -25.96
N GLY D 65 -14.38 4.49 -24.89
CA GLY D 65 -14.69 3.21 -24.29
C GLY D 65 -13.78 2.77 -23.15
N GLU D 66 -12.68 3.51 -22.93
CA GLU D 66 -11.84 3.29 -21.74
C GLU D 66 -12.62 3.80 -20.54
N PHE D 67 -12.31 3.28 -19.35
CA PHE D 67 -13.21 3.48 -18.23
C PHE D 67 -12.41 3.41 -16.93
N ILE D 68 -12.95 4.08 -15.91
CA ILE D 68 -12.53 3.88 -14.53
C ILE D 68 -13.74 3.95 -13.58
N GLY D 69 -13.75 3.11 -12.56
CA GLY D 69 -14.85 3.13 -11.61
C GLY D 69 -14.71 2.06 -10.55
N LEU D 70 -15.83 1.56 -10.08
CA LEU D 70 -15.84 0.73 -8.88
C LEU D 70 -16.52 -0.60 -9.08
N ASP D 71 -15.90 -1.63 -8.52
CA ASP D 71 -16.59 -2.85 -8.15
C ASP D 71 -16.93 -2.67 -6.67
N LEU D 72 -18.22 -2.60 -6.35
CA LEU D 72 -18.60 -2.32 -4.98
C LEU D 72 -18.53 -3.57 -4.09
N GLY D 73 -18.33 -4.75 -4.70
CA GLY D 73 -18.20 -6.01 -3.96
C GLY D 73 -19.51 -6.73 -3.69
N LYS D 74 -20.61 -5.99 -3.83
CA LYS D 74 -21.97 -6.44 -3.57
C LYS D 74 -22.91 -5.41 -4.21
N GLU D 75 -24.18 -5.78 -4.42
CA GLU D 75 -25.21 -4.85 -4.87
C GLU D 75 -25.56 -3.87 -3.72
N ILE D 76 -25.51 -2.58 -4.03
CA ILE D 76 -25.75 -1.50 -3.05
C ILE D 76 -26.81 -0.58 -3.64
N LYS D 77 -27.76 -0.17 -2.79
CA LYS D 77 -28.73 0.85 -3.16
C LYS D 77 -28.04 2.22 -3.05
N LEU D 78 -27.70 2.81 -4.19
CA LEU D 78 -26.93 4.05 -4.19
C LEU D 78 -27.83 5.27 -4.18
N ASP D 79 -27.49 6.23 -3.32
CA ASP D 79 -28.15 7.53 -3.31
C ASP D 79 -27.41 8.61 -4.09
N GLY D 80 -26.20 8.30 -4.48
CA GLY D 80 -25.38 9.21 -5.24
C GLY D 80 -23.95 8.73 -5.36
N ILE D 81 -23.16 9.53 -6.05
CA ILE D 81 -21.74 9.37 -6.15
C ILE D 81 -21.00 10.70 -5.95
N ARG D 82 -19.74 10.59 -5.61
CA ARG D 82 -18.80 11.69 -5.68
C ARG D 82 -17.47 11.21 -6.26
N PHE D 83 -17.21 11.55 -7.51
CA PHE D 83 -16.00 11.13 -8.22
C PHE D 83 -15.22 12.40 -8.51
N VAL D 84 -13.97 12.45 -8.05
CA VAL D 84 -13.12 13.61 -8.33
C VAL D 84 -12.12 13.17 -9.42
N ILE D 85 -12.28 13.71 -10.62
CA ILE D 85 -11.38 13.46 -11.74
C ILE D 85 -10.31 14.57 -11.79
N GLY D 86 -9.24 14.33 -12.54
CA GLY D 86 -8.08 15.21 -12.51
C GLY D 86 -7.38 15.23 -11.15
N LYS D 87 -6.39 16.10 -11.08
CA LYS D 87 -5.65 16.42 -9.86
C LYS D 87 -4.98 17.76 -10.16
N ASN D 88 -4.52 18.45 -9.11
CA ASN D 88 -3.81 19.71 -9.31
C ASN D 88 -2.31 19.49 -9.61
N GLY D 89 -1.69 20.48 -10.24
CA GLY D 89 -0.28 20.37 -10.59
C GLY D 89 -0.07 19.59 -11.87
N GLY D 90 0.93 18.71 -11.90
CA GLY D 90 1.18 17.88 -13.09
C GLY D 90 -0.06 17.07 -13.49
N GLY D 91 -0.37 17.11 -14.79
CA GLY D 91 -1.49 16.34 -15.31
C GLY D 91 -2.83 16.97 -15.06
N SER D 92 -2.84 18.22 -14.57
CA SER D 92 -4.08 18.96 -14.31
C SER D 92 -5.04 19.06 -15.51
N SER D 93 -4.51 18.97 -16.76
CA SER D 93 -5.34 18.95 -17.96
C SER D 93 -5.53 17.55 -18.59
N ASP D 94 -5.11 16.53 -17.85
CA ASP D 94 -5.12 15.16 -18.34
C ASP D 94 -6.46 14.54 -17.95
N LYS D 95 -7.50 14.89 -18.70
CA LYS D 95 -8.88 14.54 -18.38
C LYS D 95 -9.62 14.35 -19.69
N TRP D 96 -10.63 13.48 -19.69
CA TRP D 96 -11.49 13.31 -20.84
C TRP D 96 -12.29 14.58 -21.14
N ASN D 97 -12.56 14.82 -22.42
CA ASN D 97 -13.48 15.91 -22.83
C ASN D 97 -14.93 15.46 -22.73
N LYS D 98 -15.19 14.21 -23.11
CA LYS D 98 -16.52 13.64 -23.20
C LYS D 98 -16.55 12.25 -22.59
N PHE D 99 -17.51 12.02 -21.70
CA PHE D 99 -17.55 10.76 -20.95
C PHE D 99 -18.94 10.62 -20.32
N LYS D 100 -19.24 9.42 -19.81
CA LYS D 100 -20.56 9.17 -19.23
C LYS D 100 -20.40 8.37 -17.94
N LEU D 101 -21.37 8.58 -17.05
CA LEU D 101 -21.49 7.85 -15.81
C LEU D 101 -22.53 6.77 -16.06
N GLU D 102 -22.18 5.52 -15.76
CA GLU D 102 -23.01 4.36 -16.06
C GLU D 102 -22.87 3.32 -14.97
N TYR D 103 -23.88 2.49 -14.78
CA TYR D 103 -23.85 1.49 -13.70
C TYR D 103 -24.36 0.15 -14.23
N SER D 104 -24.18 -0.91 -13.42
CA SER D 104 -24.54 -2.26 -13.80
C SER D 104 -24.73 -3.10 -12.53
N LEU D 105 -25.52 -4.17 -12.65
CA LEU D 105 -25.61 -5.18 -11.61
C LEU D 105 -24.66 -6.36 -11.89
N ASP D 106 -24.37 -6.62 -13.16
CA ASP D 106 -23.72 -7.87 -13.58
C ASP D 106 -22.47 -7.66 -14.46
N ASN D 107 -22.08 -6.40 -14.64
CA ASN D 107 -20.88 -6.13 -15.41
C ASN D 107 -21.05 -6.47 -16.91
N GLU D 108 -22.29 -6.73 -17.35
CA GLU D 108 -22.58 -7.10 -18.73
C GLU D 108 -23.51 -6.07 -19.37
N SER D 109 -24.62 -5.79 -18.69
CA SER D 109 -25.54 -4.74 -19.12
C SER D 109 -25.33 -3.48 -18.31
N TRP D 110 -25.17 -2.36 -19.03
CA TRP D 110 -24.90 -1.06 -18.45
C TRP D 110 -26.05 -0.07 -18.76
N THR D 111 -26.33 0.80 -17.80
CA THR D 111 -27.26 1.92 -17.97
C THR D 111 -26.56 3.24 -17.68
N THR D 112 -26.70 4.17 -18.62
CA THR D 112 -26.14 5.49 -18.47
C THR D 112 -27.03 6.38 -17.60
N ILE D 113 -26.42 7.00 -16.59
CA ILE D 113 -27.07 8.04 -15.77
C ILE D 113 -26.91 9.43 -16.41
N LYS D 114 -25.69 9.77 -16.81
CA LYS D 114 -25.37 11.14 -17.14
C LYS D 114 -24.19 11.18 -18.10
N GLU D 115 -24.29 12.11 -19.06
CA GLU D 115 -23.21 12.39 -19.99
C GLU D 115 -22.61 13.79 -19.74
N TYR D 116 -21.28 13.90 -19.88
CA TYR D 116 -20.56 15.13 -19.57
C TYR D 116 -19.77 15.61 -20.77
N ASP D 117 -19.77 16.92 -20.96
CA ASP D 117 -18.82 17.52 -21.90
C ASP D 117 -18.05 18.50 -21.05
N LYS D 118 -16.79 18.15 -20.78
CA LYS D 118 -15.92 18.95 -19.93
C LYS D 118 -14.80 19.61 -20.73
N THR D 119 -15.00 19.73 -22.05
CA THR D 119 -14.03 20.34 -22.93
C THR D 119 -13.55 21.67 -22.37
N GLY D 120 -14.42 22.42 -21.71
CA GLY D 120 -14.08 23.77 -21.31
C GLY D 120 -13.88 23.95 -19.83
N ALA D 121 -13.81 22.84 -19.09
CA ALA D 121 -13.69 22.86 -17.62
C ALA D 121 -12.30 23.38 -17.21
N PRO D 122 -12.20 24.11 -16.08
CA PRO D 122 -10.86 24.49 -15.62
C PRO D 122 -9.93 23.29 -15.36
N ALA D 123 -8.64 23.45 -15.65
CA ALA D 123 -7.63 22.43 -15.30
C ALA D 123 -7.69 22.10 -13.81
N GLY D 124 -7.27 20.90 -13.42
CA GLY D 124 -7.23 20.53 -12.02
C GLY D 124 -8.35 19.59 -11.60
N LYS D 125 -8.47 19.36 -10.29
CA LYS D 125 -9.55 18.55 -9.72
C LYS D 125 -10.92 19.06 -10.17
N ASP D 126 -11.79 18.11 -10.47
CA ASP D 126 -13.15 18.39 -10.88
C ASP D 126 -14.07 17.44 -10.12
N VAL D 127 -14.89 17.98 -9.23
CA VAL D 127 -15.72 17.16 -8.33
C VAL D 127 -17.00 16.88 -9.09
N ILE D 128 -17.17 15.62 -9.45
CA ILE D 128 -18.36 15.18 -10.14
C ILE D 128 -19.18 14.60 -9.01
N GLU D 129 -20.09 15.41 -8.51
CA GLU D 129 -20.96 14.97 -7.45
C GLU D 129 -22.42 14.88 -7.95
N GLU D 130 -23.02 13.69 -7.81
CA GLU D 130 -24.38 13.43 -8.28
C GLU D 130 -25.28 12.86 -7.19
N SER D 131 -26.51 13.37 -7.12
CA SER D 131 -27.57 12.86 -6.24
C SER D 131 -28.65 12.17 -7.05
N PHE D 132 -29.00 10.97 -6.64
CA PHE D 132 -30.00 10.18 -7.28
C PHE D 132 -31.31 10.35 -6.50
N GLU D 133 -32.29 11.00 -7.13
CA GLU D 133 -33.65 11.22 -6.57
C GLU D 133 -34.26 9.91 -6.06
N THR D 134 -34.22 8.86 -6.89
CA THR D 134 -34.56 7.53 -6.40
C THR D 134 -33.31 6.63 -6.43
N PRO D 135 -33.14 5.79 -5.38
CA PRO D 135 -31.96 4.94 -5.22
C PRO D 135 -31.76 4.05 -6.43
N ILE D 136 -30.49 3.87 -6.79
CA ILE D 136 -30.14 3.05 -7.93
C ILE D 136 -29.43 1.81 -7.39
N SER D 137 -29.91 0.62 -7.75
CA SER D 137 -29.25 -0.62 -7.33
C SER D 137 -28.14 -1.00 -8.31
N ALA D 138 -26.90 -1.03 -7.79
CA ALA D 138 -25.71 -1.28 -8.60
C ALA D 138 -24.67 -2.11 -7.84
N LYS D 139 -23.91 -2.89 -8.59
CA LYS D 139 -22.69 -3.53 -8.06
C LYS D 139 -21.45 -2.87 -8.66
N TYR D 140 -21.61 -2.32 -9.86
CA TYR D 140 -20.54 -1.63 -10.56
C TYR D 140 -21.04 -0.27 -11.04
N ILE D 141 -20.16 0.72 -10.95
CA ILE D 141 -20.45 2.05 -11.45
C ILE D 141 -19.14 2.76 -11.84
N ARG D 142 -19.17 3.45 -12.98
CA ARG D 142 -17.94 3.84 -13.67
C ARG D 142 -18.12 5.04 -14.60
N LEU D 143 -17.03 5.76 -14.85
CA LEU D 143 -16.96 6.74 -15.92
C LEU D 143 -16.33 6.15 -17.16
N THR D 144 -16.98 6.37 -18.32
CA THR D 144 -16.51 5.76 -19.54
C THR D 144 -16.26 6.88 -20.57
N ASN D 145 -15.05 6.90 -21.14
CA ASN D 145 -14.69 7.85 -22.19
C ASN D 145 -15.57 7.67 -23.43
N MET D 146 -15.98 8.79 -24.03
CA MET D 146 -16.83 8.80 -25.21
C MET D 146 -16.11 9.33 -26.44
N GLU D 147 -14.91 9.88 -26.26
CA GLU D 147 -14.19 10.48 -27.39
C GLU D 147 -12.68 10.26 -27.29
N ASN D 148 -12.07 9.74 -28.37
CA ASN D 148 -10.61 9.57 -28.42
C ASN D 148 -9.93 10.87 -28.07
N ILE D 149 -8.96 10.80 -27.16
CA ILE D 149 -8.26 11.99 -26.70
C ILE D 149 -6.77 11.73 -26.54
N ASN D 150 -5.95 12.66 -27.04
CA ASN D 150 -4.51 12.56 -26.89
C ASN D 150 -4.03 13.04 -25.52
N LYS D 151 -4.26 12.21 -24.51
CA LYS D 151 -4.04 12.62 -23.12
C LYS D 151 -3.82 11.40 -22.22
N TRP D 152 -2.74 11.45 -21.44
CA TRP D 152 -2.68 10.71 -20.19
C TRP D 152 -3.87 11.10 -19.30
N LEU D 153 -3.98 10.53 -18.11
CA LEU D 153 -5.21 10.72 -17.29
C LEU D 153 -4.92 10.81 -15.80
N THR D 154 -5.43 11.86 -15.15
CA THR D 154 -5.36 12.00 -13.69
C THR D 154 -6.71 11.85 -12.99
N PHE D 155 -6.69 11.26 -11.80
CA PHE D 155 -7.91 11.07 -11.01
C PHE D 155 -7.53 11.20 -9.56
N SER D 156 -8.50 11.48 -8.70
CA SER D 156 -8.24 11.71 -7.26
C SER D 156 -9.12 10.89 -6.33
N GLU D 157 -10.38 10.65 -6.67
CA GLU D 157 -11.25 9.95 -5.70
C GLU D 157 -12.48 9.34 -6.36
N PHE D 158 -12.88 8.14 -5.91
CA PHE D 158 -14.11 7.51 -6.35
C PHE D 158 -14.85 7.03 -5.14
N ALA D 159 -15.97 7.68 -4.86
CA ALA D 159 -16.78 7.34 -3.68
C ALA D 159 -18.24 7.23 -4.09
N ILE D 160 -18.99 6.47 -3.30
CA ILE D 160 -20.43 6.37 -3.44
C ILE D 160 -21.09 6.95 -2.21
N VAL D 161 -22.40 7.19 -2.32
CA VAL D 161 -23.26 7.59 -1.19
C VAL D 161 -24.42 6.60 -1.13
N SER D 162 -24.62 6.02 0.05
CA SER D 162 -25.71 5.06 0.24
C SER D 162 -26.27 5.14 1.67
N ASP D 163 -27.48 5.66 1.82
CA ASP D 163 -28.14 5.68 3.15
C ASP D 163 -28.36 4.27 3.75
N GLU D 164 -28.16 3.26 2.90
CA GLU D 164 -28.23 1.83 3.26
C GLU D 164 -29.68 1.42 3.30
#